data_2FP3
#
_entry.id   2FP3
#
_cell.length_a   162.474
_cell.length_b   162.474
_cell.length_c   162.474
_cell.angle_alpha   90.00
_cell.angle_beta   90.00
_cell.angle_gamma   90.00
#
_symmetry.space_group_name_H-M   'I 41 3 2'
#
loop_
_entity.id
_entity.type
_entity.pdbx_description
1 polymer 'Caspase Nc'
2 water water
#
_entity_poly.entity_id   1
_entity_poly.type   'polypeptide(L)'
_entity_poly.pdbx_seq_one_letter_code
;MTPSPEASEGPCVSKLRNEPLGALTPYVGVVDGPEVKKSKKIHGGDSAILGTYKMQSRFNRGVLLMVNIMDYPDQNRRRI
GAEKDSKSLIHLFQELNFTIFPYGNVNQDQFFKLLTMVTSSSYVQNTECFVMVLMTHGNSVEGKEKVEFRDGSVVDMQKI
KDHFQTAKCPYLVNKPKVLMFPFARGDEYDLGHPKNQGNLMEPVYTAQEEKWPDTQTEGIPSPSTNVPSLADTLVCYANT
PGYVTHRDLDTGSWYIQKFCQVMADHAHDTDLEDILKKTSEAVGNKRTKKGSMQTGAYDNLGFNKKLYFNPGFFNE
;
_entity_poly.pdbx_strand_id   A
#
# COMPACT_ATOMS: atom_id res chain seq x y z
N ALA A 23 9.95 13.19 15.37
CA ALA A 23 8.81 13.83 14.68
C ALA A 23 7.78 12.79 14.25
N LEU A 24 8.14 11.52 14.40
CA LEU A 24 7.24 10.45 14.04
C LEU A 24 6.09 10.33 15.02
N THR A 25 4.90 10.64 14.56
CA THR A 25 3.72 10.60 15.39
C THR A 25 2.75 9.49 14.99
N PRO A 26 2.77 8.35 15.71
CA PRO A 26 1.83 7.29 15.33
C PRO A 26 0.41 7.86 15.42
N TYR A 27 -0.41 7.57 14.42
CA TYR A 27 -1.77 8.06 14.41
C TYR A 27 -2.55 7.47 15.58
N VAL A 28 -3.32 8.32 16.27
CA VAL A 28 -4.14 7.86 17.39
C VAL A 28 -5.51 8.50 17.26
N GLY A 29 -6.55 7.72 17.55
CA GLY A 29 -7.90 8.26 17.45
C GLY A 29 -8.91 7.28 16.88
N VAL A 30 -10.16 7.49 17.24
CA VAL A 30 -11.26 6.64 16.79
C VAL A 30 -11.65 7.02 15.37
N VAL A 31 -11.80 6.02 14.52
CA VAL A 31 -12.20 6.23 13.14
C VAL A 31 -13.27 5.20 12.82
N ASP A 32 -14.46 5.66 12.45
CA ASP A 32 -15.53 4.74 12.12
C ASP A 32 -15.36 4.28 10.68
N GLY A 33 -15.79 3.06 10.40
CA GLY A 33 -15.66 2.52 9.06
C GLY A 33 -16.30 1.15 9.04
N PRO A 34 -16.37 0.50 7.88
CA PRO A 34 -16.97 -0.83 7.74
C PRO A 34 -16.45 -1.78 8.80
N GLU A 35 -17.17 -2.88 9.00
CA GLU A 35 -16.76 -3.86 9.98
C GLU A 35 -15.69 -4.76 9.36
N VAL A 36 -14.58 -4.93 10.07
CA VAL A 36 -13.50 -5.79 9.60
C VAL A 36 -13.56 -7.10 10.37
N LYS A 37 -13.98 -8.17 9.71
CA LYS A 37 -14.06 -9.47 10.39
C LYS A 37 -12.70 -9.79 10.96
N LYS A 38 -12.67 -10.49 12.09
CA LYS A 38 -11.42 -10.84 12.75
C LYS A 38 -11.10 -12.32 12.61
N SER A 39 -9.82 -12.66 12.66
CA SER A 39 -9.40 -14.04 12.58
C SER A 39 -9.70 -14.71 13.92
N LYS A 40 -9.78 -16.04 13.90
CA LYS A 40 -10.03 -16.80 15.11
C LYS A 40 -8.86 -17.75 15.31
N LYS A 41 -7.79 -17.52 14.56
CA LYS A 41 -6.61 -18.36 14.62
C LYS A 41 -5.52 -17.68 13.80
N ILE A 42 -4.32 -18.26 13.84
CA ILE A 42 -3.21 -17.77 13.06
C ILE A 42 -3.29 -18.62 11.78
N HIS A 43 -3.50 -17.97 10.65
CA HIS A 43 -3.61 -18.69 9.39
C HIS A 43 -2.25 -19.03 8.83
N GLY A 44 -2.09 -20.27 8.40
CA GLY A 44 -0.82 -20.74 7.87
C GLY A 44 -0.97 -21.49 6.57
N GLY A 45 -2.00 -21.12 5.80
CA GLY A 45 -2.25 -21.74 4.51
C GLY A 45 -2.54 -23.24 4.50
N ASP A 46 -1.89 -23.99 5.37
CA ASP A 46 -2.07 -25.44 5.44
C ASP A 46 -1.62 -26.07 4.12
N SER A 47 -1.51 -25.25 3.07
CA SER A 47 -1.09 -25.72 1.75
C SER A 47 0.19 -26.53 1.88
N ALA A 48 1.11 -26.03 2.70
CA ALA A 48 2.38 -26.71 2.93
C ALA A 48 3.10 -26.98 1.60
N ILE A 49 4.09 -26.15 1.33
CA ILE A 49 4.92 -26.21 0.11
C ILE A 49 5.55 -24.84 0.07
N LEU A 50 4.75 -23.86 0.44
CA LEU A 50 5.16 -22.47 0.49
C LEU A 50 5.03 -22.07 1.97
N GLY A 51 5.92 -21.19 2.44
CA GLY A 51 5.86 -20.75 3.81
C GLY A 51 4.89 -19.61 4.06
N THR A 52 4.86 -19.11 5.29
CA THR A 52 3.98 -18.02 5.70
C THR A 52 4.73 -16.95 6.50
N TYR A 53 4.61 -15.68 6.11
CA TYR A 53 5.30 -14.64 6.88
C TYR A 53 4.70 -14.59 8.25
N LYS A 54 5.57 -14.46 9.25
CA LYS A 54 5.10 -14.40 10.64
C LYS A 54 4.25 -13.16 10.86
N MET A 55 3.04 -13.37 11.36
CA MET A 55 2.08 -12.29 11.65
C MET A 55 1.31 -12.66 12.91
N GLN A 56 2.00 -12.73 14.05
CA GLN A 56 1.34 -13.13 15.29
C GLN A 56 1.66 -12.31 16.54
N SER A 57 2.49 -11.27 16.42
CA SER A 57 2.85 -10.44 17.57
C SER A 57 1.60 -9.65 17.98
N ARG A 58 1.60 -9.07 19.17
CA ARG A 58 0.40 -8.32 19.54
C ARG A 58 0.47 -6.81 19.51
N PHE A 59 1.64 -6.24 19.24
CA PHE A 59 1.73 -4.78 19.15
C PHE A 59 2.63 -4.36 18.00
N ASN A 60 3.21 -5.33 17.31
CA ASN A 60 4.11 -5.09 16.20
C ASN A 60 3.63 -5.78 14.94
N ARG A 61 2.31 -5.88 14.76
CA ARG A 61 1.75 -6.56 13.61
C ARG A 61 2.17 -5.92 12.29
N GLY A 62 2.18 -4.59 12.25
CA GLY A 62 2.58 -3.92 11.03
C GLY A 62 2.72 -2.41 11.11
N VAL A 63 3.42 -1.84 10.14
CA VAL A 63 3.60 -0.40 10.07
C VAL A 63 3.10 0.05 8.70
N LEU A 64 2.25 1.08 8.69
CA LEU A 64 1.73 1.62 7.46
C LEU A 64 2.21 3.05 7.27
N LEU A 65 2.83 3.31 6.13
CA LEU A 65 3.28 4.66 5.80
C LEU A 65 2.28 5.11 4.75
N MET A 66 1.41 6.04 5.12
CA MET A 66 0.40 6.52 4.17
C MET A 66 0.67 7.96 3.78
N VAL A 67 0.89 8.18 2.49
CA VAL A 67 1.15 9.52 1.99
C VAL A 67 0.11 9.89 0.91
N ASN A 68 -0.81 10.77 1.26
CA ASN A 68 -1.86 11.20 0.34
C ASN A 68 -1.63 12.66 -0.09
N ILE A 69 -1.02 12.83 -1.26
CA ILE A 69 -0.75 14.17 -1.81
C ILE A 69 -1.98 14.64 -2.58
N MET A 70 -2.51 15.81 -2.23
CA MET A 70 -3.70 16.27 -2.92
C MET A 70 -3.71 17.72 -3.39
N ASP A 71 -2.55 18.37 -3.34
CA ASP A 71 -2.46 19.75 -3.78
C ASP A 71 -1.25 19.94 -4.68
N TYR A 72 -1.48 20.60 -5.82
CA TYR A 72 -0.43 20.83 -6.79
C TYR A 72 -0.38 22.29 -7.23
N PRO A 73 0.59 22.65 -8.11
CA PRO A 73 0.76 24.01 -8.63
C PRO A 73 -0.46 24.91 -8.54
N ASP A 74 -1.60 24.42 -9.01
CA ASP A 74 -2.83 25.21 -8.94
C ASP A 74 -4.02 24.35 -8.57
N GLN A 75 -5.04 24.97 -7.98
CA GLN A 75 -6.25 24.28 -7.56
C GLN A 75 -7.00 23.68 -8.74
N ASN A 76 -6.25 23.11 -9.67
CA ASN A 76 -6.83 22.49 -10.86
C ASN A 76 -6.75 20.97 -10.75
N ARG A 77 -5.56 20.46 -10.49
CA ARG A 77 -5.37 19.02 -10.37
C ARG A 77 -5.71 18.54 -8.96
N ARG A 78 -6.31 19.43 -8.18
CA ARG A 78 -6.70 19.10 -6.82
C ARG A 78 -7.52 17.81 -6.76
N ARG A 79 -6.92 16.75 -6.22
CA ARG A 79 -7.60 15.46 -6.10
C ARG A 79 -8.69 15.50 -5.04
N ILE A 80 -9.88 15.95 -5.44
CA ILE A 80 -11.02 16.03 -4.51
C ILE A 80 -11.58 14.64 -4.25
N GLY A 81 -11.75 14.31 -2.97
CA GLY A 81 -12.25 13.01 -2.59
C GLY A 81 -11.14 12.13 -2.06
N ALA A 82 -9.90 12.64 -2.15
CA ALA A 82 -8.74 11.90 -1.68
C ALA A 82 -8.80 11.61 -0.18
N GLU A 83 -9.22 12.59 0.61
CA GLU A 83 -9.29 12.40 2.06
C GLU A 83 -10.19 11.20 2.39
N LYS A 84 -11.11 10.89 1.49
CA LYS A 84 -12.01 9.76 1.72
C LYS A 84 -11.17 8.47 1.74
N ASP A 85 -10.10 8.45 0.97
CA ASP A 85 -9.23 7.29 0.92
C ASP A 85 -8.40 7.18 2.21
N SER A 86 -7.87 8.31 2.65
CA SER A 86 -7.09 8.33 3.87
C SER A 86 -7.87 7.73 5.02
N LYS A 87 -9.16 8.07 5.10
CA LYS A 87 -10.02 7.56 6.16
C LYS A 87 -10.18 6.06 6.06
N SER A 88 -10.48 5.58 4.86
CA SER A 88 -10.64 4.15 4.64
C SER A 88 -9.38 3.38 5.01
N LEU A 89 -8.23 3.83 4.50
CA LEU A 89 -6.98 3.13 4.79
C LEU A 89 -6.69 3.15 6.29
N ILE A 90 -6.79 4.33 6.91
CA ILE A 90 -6.51 4.42 8.34
C ILE A 90 -7.44 3.48 9.10
N HIS A 91 -8.73 3.59 8.86
CA HIS A 91 -9.68 2.72 9.54
C HIS A 91 -9.29 1.25 9.40
N LEU A 92 -9.10 0.81 8.16
CA LEU A 92 -8.73 -0.58 7.88
C LEU A 92 -7.48 -1.06 8.60
N PHE A 93 -6.43 -0.23 8.59
CA PHE A 93 -5.21 -0.65 9.25
C PHE A 93 -5.23 -0.54 10.76
N GLN A 94 -6.15 0.25 11.30
CA GLN A 94 -6.28 0.33 12.76
C GLN A 94 -6.85 -1.01 13.21
N GLU A 95 -7.77 -1.56 12.42
CA GLU A 95 -8.39 -2.83 12.73
C GLU A 95 -7.40 -3.98 12.48
N LEU A 96 -6.36 -3.72 11.68
CA LEU A 96 -5.36 -4.76 11.45
C LEU A 96 -4.29 -4.58 12.52
N ASN A 97 -4.50 -3.60 13.39
CA ASN A 97 -3.59 -3.31 14.47
C ASN A 97 -2.21 -2.84 14.04
N PHE A 98 -2.15 -2.03 12.98
CA PHE A 98 -0.88 -1.51 12.47
C PHE A 98 -0.59 -0.18 13.14
N THR A 99 0.68 0.17 13.17
CA THR A 99 1.11 1.46 13.70
C THR A 99 1.09 2.30 12.41
N ILE A 100 0.35 3.39 12.42
CA ILE A 100 0.18 4.23 11.23
C ILE A 100 0.84 5.61 11.21
N PHE A 101 1.55 5.90 10.13
CA PHE A 101 2.21 7.20 9.94
C PHE A 101 1.62 7.83 8.69
N PRO A 102 0.58 8.66 8.86
CA PRO A 102 -0.11 9.33 7.75
C PRO A 102 0.37 10.73 7.48
N TYR A 103 0.48 11.08 6.19
CA TYR A 103 0.89 12.41 5.80
C TYR A 103 0.05 12.95 4.66
N GLY A 104 0.01 14.29 4.55
CA GLY A 104 -0.74 14.95 3.49
C GLY A 104 0.21 15.38 2.38
N ASN A 105 0.21 16.67 2.06
CA ASN A 105 1.07 17.16 0.99
C ASN A 105 2.54 17.25 1.42
N VAL A 106 3.42 16.71 0.59
CA VAL A 106 4.85 16.76 0.87
C VAL A 106 5.59 16.86 -0.44
N ASN A 107 6.77 17.44 -0.41
CA ASN A 107 7.60 17.60 -1.60
C ASN A 107 8.57 16.44 -1.74
N GLN A 108 9.19 16.35 -2.91
CA GLN A 108 10.16 15.29 -3.18
C GLN A 108 11.16 15.14 -2.05
N ASP A 109 11.64 16.26 -1.53
CA ASP A 109 12.64 16.23 -0.46
C ASP A 109 12.06 15.73 0.86
N GLN A 110 10.87 16.20 1.22
CA GLN A 110 10.26 15.77 2.47
C GLN A 110 9.91 14.29 2.41
N PHE A 111 9.35 13.87 1.28
CA PHE A 111 8.95 12.49 1.10
C PHE A 111 10.05 11.50 1.43
N PHE A 112 11.21 11.67 0.81
CA PHE A 112 12.33 10.77 1.04
C PHE A 112 12.92 10.86 2.43
N LYS A 113 12.65 11.96 3.13
CA LYS A 113 13.16 12.10 4.48
C LYS A 113 12.23 11.32 5.40
N LEU A 114 10.93 11.44 5.16
CA LEU A 114 9.93 10.73 5.95
C LEU A 114 10.15 9.23 5.82
N LEU A 115 10.29 8.81 4.57
CA LEU A 115 10.49 7.40 4.26
C LEU A 115 11.65 6.82 5.02
N THR A 116 12.78 7.51 4.99
CA THR A 116 13.98 7.06 5.67
C THR A 116 13.78 7.02 7.18
N MET A 117 13.12 8.03 7.71
CA MET A 117 12.86 8.15 9.13
C MET A 117 11.98 6.97 9.58
N VAL A 118 11.03 6.62 8.73
CA VAL A 118 10.12 5.54 9.04
C VAL A 118 10.80 4.19 8.95
N THR A 119 11.48 3.92 7.84
CA THR A 119 12.14 2.62 7.67
C THR A 119 13.29 2.42 8.63
N SER A 120 13.83 3.52 9.15
CA SER A 120 14.92 3.45 10.12
C SER A 120 14.40 3.53 11.56
N SER A 121 13.08 3.64 11.71
CA SER A 121 12.45 3.75 13.01
C SER A 121 12.52 2.50 13.87
N SER A 122 12.52 2.71 15.18
CA SER A 122 12.53 1.60 16.10
C SER A 122 11.24 0.82 15.80
N TYR A 123 10.20 1.54 15.39
CA TYR A 123 8.92 0.90 15.08
C TYR A 123 9.03 -0.18 14.00
N VAL A 124 9.67 0.17 12.90
CA VAL A 124 9.84 -0.76 11.81
C VAL A 124 10.84 -1.85 12.15
N GLN A 125 11.81 -1.52 13.00
CA GLN A 125 12.83 -2.48 13.38
C GLN A 125 12.21 -3.74 13.93
N ASN A 126 11.12 -3.60 14.68
CA ASN A 126 10.49 -4.76 15.28
C ASN A 126 9.14 -5.14 14.70
N THR A 127 8.70 -4.45 13.65
CA THR A 127 7.41 -4.75 13.08
C THR A 127 7.49 -6.03 12.27
N GLU A 128 6.34 -6.68 12.12
CA GLU A 128 6.28 -7.91 11.36
C GLU A 128 5.98 -7.67 9.89
N CYS A 129 5.45 -6.50 9.56
CA CYS A 129 5.06 -6.21 8.18
C CYS A 129 5.07 -4.73 7.82
N PHE A 130 5.48 -4.40 6.59
CA PHE A 130 5.51 -3.00 6.17
C PHE A 130 4.66 -2.75 4.93
N VAL A 131 3.75 -1.77 5.03
CA VAL A 131 2.91 -1.41 3.91
C VAL A 131 2.98 0.09 3.71
N MET A 132 3.30 0.52 2.49
CA MET A 132 3.33 1.94 2.20
C MET A 132 2.29 2.19 1.12
N VAL A 133 1.50 3.24 1.28
CA VAL A 133 0.52 3.59 0.27
C VAL A 133 0.76 5.04 -0.11
N LEU A 134 1.22 5.24 -1.34
CA LEU A 134 1.48 6.58 -1.84
C LEU A 134 0.41 6.92 -2.85
N MET A 135 -0.37 7.96 -2.55
CA MET A 135 -1.43 8.38 -3.44
C MET A 135 -1.15 9.76 -4.01
N THR A 136 -0.86 9.81 -5.30
CA THR A 136 -0.56 11.06 -5.99
C THR A 136 -0.79 10.87 -7.50
N HIS A 137 -0.26 11.79 -8.29
CA HIS A 137 -0.40 11.71 -9.75
C HIS A 137 0.87 11.07 -10.32
N GLY A 138 0.72 10.27 -11.37
CA GLY A 138 1.86 9.62 -11.98
C GLY A 138 2.01 9.93 -13.46
N ASN A 139 3.25 10.03 -13.91
CA ASN A 139 3.54 10.35 -15.30
C ASN A 139 4.42 9.24 -15.93
N SER A 140 4.28 9.04 -17.24
CA SER A 140 5.05 8.02 -17.94
C SER A 140 6.06 8.58 -18.93
N VAL A 141 6.99 9.39 -18.44
CA VAL A 141 8.01 10.00 -19.29
C VAL A 141 8.91 8.94 -19.94
N GLU A 142 8.88 8.88 -21.27
CA GLU A 142 9.70 7.92 -22.02
C GLU A 142 9.33 6.51 -21.58
N GLY A 143 10.35 5.69 -21.36
CA GLY A 143 10.12 4.32 -20.92
C GLY A 143 10.14 4.29 -19.40
N LYS A 144 10.26 5.46 -18.79
CA LYS A 144 10.29 5.59 -17.34
C LYS A 144 8.95 5.97 -16.73
N GLU A 145 8.83 5.73 -15.43
CA GLU A 145 7.62 6.03 -14.67
C GLU A 145 8.00 7.00 -13.57
N LYS A 146 7.25 8.10 -13.46
CA LYS A 146 7.52 9.12 -12.45
C LYS A 146 6.36 9.37 -11.50
N VAL A 147 6.66 10.06 -10.40
CA VAL A 147 5.65 10.37 -9.39
C VAL A 147 5.75 11.85 -9.00
N GLU A 148 4.60 12.52 -8.94
CA GLU A 148 4.53 13.93 -8.59
C GLU A 148 4.34 14.17 -7.09
N PHE A 149 4.79 15.34 -6.63
CA PHE A 149 4.63 15.73 -5.24
C PHE A 149 3.99 17.12 -5.19
N ARG A 150 3.78 17.63 -3.98
CA ARG A 150 3.18 18.94 -3.75
C ARG A 150 3.81 20.06 -4.59
N ASP A 151 5.13 20.13 -4.56
CA ASP A 151 5.87 21.15 -5.29
C ASP A 151 5.87 20.91 -6.80
N GLY A 152 5.11 19.93 -7.25
CA GLY A 152 5.05 19.64 -8.67
C GLY A 152 6.24 18.85 -9.18
N SER A 153 7.28 18.70 -8.36
CA SER A 153 8.47 17.96 -8.77
C SER A 153 8.15 16.48 -9.05
N VAL A 154 9.08 15.79 -9.73
CA VAL A 154 8.89 14.40 -10.08
C VAL A 154 10.11 13.53 -9.75
N VAL A 155 9.88 12.22 -9.65
CA VAL A 155 10.94 11.25 -9.33
C VAL A 155 10.67 9.92 -10.02
N ASP A 156 11.73 9.19 -10.32
CA ASP A 156 11.58 7.88 -10.95
C ASP A 156 11.04 6.95 -9.87
N MET A 157 9.92 6.29 -10.13
CA MET A 157 9.38 5.39 -9.13
C MET A 157 10.44 4.36 -8.77
N GLN A 158 11.36 4.12 -9.70
CA GLN A 158 12.44 3.20 -9.46
C GLN A 158 13.19 3.67 -8.22
N LYS A 159 13.43 4.98 -8.12
CA LYS A 159 14.13 5.56 -6.98
C LYS A 159 13.42 5.09 -5.72
N ILE A 160 12.12 5.34 -5.65
CA ILE A 160 11.31 4.95 -4.52
C ILE A 160 11.45 3.46 -4.19
N LYS A 161 11.29 2.58 -5.17
CA LYS A 161 11.42 1.15 -4.92
C LYS A 161 12.79 0.81 -4.35
N ASP A 162 13.83 1.34 -4.98
CA ASP A 162 15.22 1.10 -4.58
C ASP A 162 15.48 1.38 -3.12
N HIS A 163 14.70 2.27 -2.54
CA HIS A 163 14.89 2.60 -1.14
C HIS A 163 14.74 1.34 -0.29
N PHE A 164 14.02 0.35 -0.79
CA PHE A 164 13.79 -0.87 -0.03
C PHE A 164 14.78 -2.00 -0.26
N GLN A 165 15.93 -1.69 -0.85
CA GLN A 165 16.96 -2.70 -1.05
C GLN A 165 17.51 -3.02 0.35
N THR A 166 17.88 -4.28 0.58
CA THR A 166 18.39 -4.71 1.87
C THR A 166 19.41 -3.75 2.49
N ALA A 167 20.27 -3.18 1.66
CA ALA A 167 21.27 -2.25 2.15
C ALA A 167 20.64 -1.07 2.89
N LYS A 168 19.65 -0.44 2.26
CA LYS A 168 19.00 0.71 2.86
C LYS A 168 17.95 0.38 3.91
N CYS A 169 17.32 -0.79 3.81
CA CYS A 169 16.31 -1.16 4.78
C CYS A 169 16.62 -2.44 5.54
N PRO A 170 17.70 -2.39 6.35
CA PRO A 170 18.14 -3.53 7.15
C PRO A 170 16.98 -4.13 7.92
N TYR A 171 16.14 -3.26 8.47
CA TYR A 171 15.00 -3.68 9.27
C TYR A 171 13.89 -4.43 8.53
N LEU A 172 13.92 -4.44 7.20
CA LEU A 172 12.87 -5.12 6.43
C LEU A 172 13.33 -6.37 5.70
N VAL A 173 14.60 -6.74 5.87
CA VAL A 173 15.14 -7.93 5.24
C VAL A 173 14.32 -9.14 5.70
N ASN A 174 13.84 -9.92 4.73
CA ASN A 174 13.02 -11.10 5.01
C ASN A 174 11.68 -10.78 5.66
N LYS A 175 11.23 -9.55 5.51
CA LYS A 175 9.93 -9.16 6.06
C LYS A 175 9.01 -8.80 4.89
N PRO A 176 7.72 -9.03 5.05
CA PRO A 176 6.75 -8.72 4.00
C PRO A 176 6.68 -7.21 3.73
N LYS A 177 6.92 -6.81 2.49
CA LYS A 177 6.85 -5.39 2.12
C LYS A 177 5.82 -5.17 1.00
N VAL A 178 4.82 -4.34 1.27
CA VAL A 178 3.76 -4.06 0.30
C VAL A 178 3.80 -2.59 -0.07
N LEU A 179 4.24 -2.29 -1.29
CA LEU A 179 4.33 -0.91 -1.76
C LEU A 179 3.17 -0.67 -2.71
N MET A 180 2.28 0.25 -2.36
CA MET A 180 1.10 0.53 -3.17
C MET A 180 1.01 1.93 -3.77
N PHE A 181 0.85 1.98 -5.09
CA PHE A 181 0.73 3.23 -5.82
C PHE A 181 -0.57 3.17 -6.62
N PRO A 182 -1.72 3.31 -5.95
CA PRO A 182 -3.03 3.25 -6.60
C PRO A 182 -3.26 4.25 -7.74
N PHE A 183 -2.35 5.19 -7.91
CA PHE A 183 -2.48 6.18 -8.97
C PHE A 183 -1.21 6.21 -9.80
N ALA A 184 -1.12 5.27 -10.74
CA ALA A 184 0.05 5.18 -11.61
C ALA A 184 -0.32 5.42 -13.07
N SER A 224 26.95 -7.07 -15.24
CA SER A 224 27.91 -7.03 -14.14
C SER A 224 27.92 -5.65 -13.49
N THR A 225 26.89 -4.86 -13.77
CA THR A 225 26.77 -3.51 -13.21
C THR A 225 25.33 -3.16 -12.87
N ASN A 226 24.47 -4.18 -12.78
CA ASN A 226 23.06 -3.97 -12.46
C ASN A 226 22.79 -4.02 -10.96
N VAL A 227 22.36 -2.89 -10.42
CA VAL A 227 22.05 -2.74 -8.99
C VAL A 227 21.12 -3.85 -8.48
N PRO A 228 21.36 -4.34 -7.25
CA PRO A 228 20.57 -5.39 -6.60
C PRO A 228 19.04 -5.30 -6.74
N SER A 229 18.38 -6.41 -6.46
CA SER A 229 16.93 -6.52 -6.57
C SER A 229 16.24 -6.58 -5.21
N LEU A 230 14.91 -6.47 -5.23
CA LEU A 230 14.10 -6.52 -4.01
C LEU A 230 13.69 -7.94 -3.69
N ALA A 231 13.32 -8.17 -2.43
CA ALA A 231 12.87 -9.49 -2.02
C ALA A 231 11.68 -9.27 -1.13
N ASP A 232 10.87 -10.31 -0.96
CA ASP A 232 9.70 -10.24 -0.10
C ASP A 232 8.92 -8.93 -0.34
N THR A 233 8.75 -8.57 -1.60
CA THR A 233 8.05 -7.33 -1.88
C THR A 233 6.95 -7.44 -2.93
N LEU A 234 5.87 -6.72 -2.69
CA LEU A 234 4.76 -6.65 -3.64
C LEU A 234 4.60 -5.18 -4.02
N VAL A 235 4.46 -4.92 -5.33
CA VAL A 235 4.25 -3.57 -5.80
C VAL A 235 2.90 -3.60 -6.47
N CYS A 236 1.95 -2.88 -5.88
CA CYS A 236 0.57 -2.86 -6.37
C CYS A 236 0.24 -1.57 -7.11
N TYR A 237 -0.49 -1.72 -8.21
CA TYR A 237 -0.90 -0.59 -9.04
C TYR A 237 -2.39 -0.68 -9.33
N ALA A 238 -2.95 0.44 -9.80
CA ALA A 238 -4.36 0.48 -10.18
C ALA A 238 -4.30 0.71 -11.69
N ASN A 239 -3.65 -0.23 -12.37
CA ASN A 239 -3.44 -0.21 -13.81
C ASN A 239 -4.63 0.14 -14.69
N THR A 240 -4.75 1.43 -15.00
CA THR A 240 -5.80 1.96 -15.84
C THR A 240 -5.39 3.37 -16.29
N PRO A 241 -5.40 3.62 -17.61
CA PRO A 241 -5.03 4.86 -18.29
C PRO A 241 -6.35 5.55 -18.25
N GLY A 242 -7.02 5.51 -17.09
CA GLY A 242 -8.33 6.18 -17.02
C GLY A 242 -8.22 6.88 -15.69
N TYR A 243 -8.97 7.96 -15.48
CA TYR A 243 -8.91 8.67 -14.22
C TYR A 243 -10.28 9.08 -13.68
N VAL A 244 -11.26 9.22 -14.57
CA VAL A 244 -12.62 9.59 -14.16
C VAL A 244 -13.49 8.35 -14.02
N THR A 245 -14.07 8.16 -12.85
CA THR A 245 -14.92 7.00 -12.58
C THR A 245 -15.98 7.33 -11.53
N HIS A 246 -17.07 6.55 -11.52
CA HIS A 246 -18.15 6.73 -10.56
C HIS A 246 -18.71 8.15 -10.60
N ARG A 247 -18.63 8.77 -11.76
CA ARG A 247 -19.12 10.14 -11.98
C ARG A 247 -18.43 11.19 -11.11
N ASP A 248 -17.88 10.77 -9.97
CA ASP A 248 -17.20 11.70 -9.07
C ASP A 248 -16.03 11.05 -8.31
N LEU A 249 -15.18 10.34 -9.04
CA LEU A 249 -14.02 9.68 -8.45
C LEU A 249 -12.95 9.34 -9.48
N ASP A 250 -11.84 8.78 -9.00
CA ASP A 250 -10.72 8.39 -9.85
C ASP A 250 -10.55 6.88 -9.75
N THR A 251 -9.86 6.29 -10.72
CA THR A 251 -9.62 4.85 -10.74
C THR A 251 -8.86 4.35 -9.52
N GLY A 252 -7.84 5.09 -9.09
CA GLY A 252 -7.07 4.69 -7.92
C GLY A 252 -7.93 4.70 -6.66
N SER A 253 -8.78 5.71 -6.55
CA SER A 253 -9.67 5.84 -5.40
C SER A 253 -10.63 4.67 -5.36
N TRP A 254 -11.07 4.22 -6.53
CA TRP A 254 -11.99 3.09 -6.64
C TRP A 254 -11.23 1.82 -6.29
N TYR A 255 -9.97 1.77 -6.73
CA TYR A 255 -9.10 0.64 -6.44
C TYR A 255 -8.94 0.55 -4.93
N ILE A 256 -8.57 1.67 -4.31
CA ILE A 256 -8.40 1.75 -2.87
C ILE A 256 -9.64 1.37 -2.09
N GLN A 257 -10.80 1.90 -2.49
CA GLN A 257 -12.03 1.59 -1.79
C GLN A 257 -12.36 0.12 -1.88
N LYS A 258 -12.27 -0.44 -3.08
CA LYS A 258 -12.56 -1.85 -3.29
C LYS A 258 -11.58 -2.69 -2.49
N PHE A 259 -10.34 -2.22 -2.42
CA PHE A 259 -9.31 -2.92 -1.66
C PHE A 259 -9.68 -3.01 -0.19
N CYS A 260 -10.04 -1.88 0.40
CA CYS A 260 -10.42 -1.83 1.79
C CYS A 260 -11.67 -2.67 2.04
N GLN A 261 -12.59 -2.67 1.08
CA GLN A 261 -13.81 -3.46 1.24
C GLN A 261 -13.44 -4.93 1.28
N VAL A 262 -12.67 -5.38 0.29
CA VAL A 262 -12.22 -6.78 0.20
C VAL A 262 -11.37 -7.17 1.40
N MET A 263 -10.54 -6.25 1.86
CA MET A 263 -9.71 -6.51 3.02
C MET A 263 -10.63 -6.71 4.23
N ALA A 264 -11.59 -5.80 4.39
CA ALA A 264 -12.53 -5.86 5.51
C ALA A 264 -13.29 -7.17 5.59
N ASP A 265 -13.70 -7.72 4.44
CA ASP A 265 -14.45 -8.96 4.43
C ASP A 265 -13.62 -10.23 4.36
N HIS A 266 -12.39 -10.15 3.85
CA HIS A 266 -11.60 -11.37 3.74
C HIS A 266 -10.23 -11.45 4.41
N ALA A 267 -9.72 -10.35 4.95
CA ALA A 267 -8.42 -10.38 5.61
C ALA A 267 -8.32 -11.43 6.72
N HIS A 268 -9.44 -11.73 7.37
CA HIS A 268 -9.49 -12.72 8.45
C HIS A 268 -9.27 -14.13 7.94
N ASP A 269 -9.43 -14.32 6.64
CA ASP A 269 -9.35 -15.66 6.05
C ASP A 269 -8.44 -15.85 4.84
N THR A 270 -8.18 -14.79 4.09
CA THR A 270 -7.40 -14.98 2.88
C THR A 270 -6.11 -14.15 2.77
N ASP A 271 -5.08 -14.79 2.22
CA ASP A 271 -3.78 -14.17 2.04
C ASP A 271 -3.85 -12.95 1.11
N LEU A 272 -2.89 -12.05 1.25
CA LEU A 272 -2.84 -10.82 0.45
C LEU A 272 -2.95 -10.97 -1.07
N GLU A 273 -2.18 -11.88 -1.65
CA GLU A 273 -2.24 -12.06 -3.09
C GLU A 273 -3.61 -12.45 -3.60
N ASP A 274 -4.36 -13.21 -2.80
CA ASP A 274 -5.71 -13.60 -3.20
C ASP A 274 -6.59 -12.35 -3.14
N ILE A 275 -6.39 -11.56 -2.10
CA ILE A 275 -7.14 -10.34 -1.91
C ILE A 275 -6.88 -9.36 -3.06
N LEU A 276 -5.63 -9.25 -3.50
CA LEU A 276 -5.27 -8.35 -4.60
C LEU A 276 -5.92 -8.81 -5.90
N LYS A 277 -5.98 -10.12 -6.13
CA LYS A 277 -6.64 -10.61 -7.33
C LYS A 277 -8.13 -10.29 -7.22
N LYS A 278 -8.70 -10.48 -6.03
CA LYS A 278 -10.12 -10.17 -5.80
C LYS A 278 -10.34 -8.68 -6.01
N THR A 279 -9.43 -7.87 -5.52
CA THR A 279 -9.54 -6.43 -5.70
C THR A 279 -9.53 -6.10 -7.19
N SER A 280 -8.54 -6.64 -7.91
CA SER A 280 -8.40 -6.40 -9.34
C SER A 280 -9.58 -6.90 -10.16
N GLU A 281 -10.18 -7.99 -9.73
CA GLU A 281 -11.32 -8.54 -10.43
C GLU A 281 -12.53 -7.65 -10.17
N ALA A 282 -12.67 -7.24 -8.92
CA ALA A 282 -13.77 -6.39 -8.49
C ALA A 282 -13.75 -5.03 -9.17
N VAL A 283 -12.66 -4.29 -8.97
CA VAL A 283 -12.51 -2.97 -9.56
C VAL A 283 -12.65 -3.04 -11.07
N GLY A 284 -12.34 -4.21 -11.65
CA GLY A 284 -12.44 -4.38 -13.09
C GLY A 284 -13.86 -4.53 -13.58
N ASN A 285 -14.60 -5.45 -12.97
CA ASN A 285 -15.98 -5.69 -13.36
C ASN A 285 -16.85 -4.49 -13.00
N LYS A 286 -16.91 -3.51 -13.88
CA LYS A 286 -17.72 -2.32 -13.63
C LYS A 286 -17.88 -1.43 -14.86
N ARG A 287 -17.75 -0.12 -14.64
CA ARG A 287 -17.90 0.86 -15.71
C ARG A 287 -16.67 1.75 -15.92
N THR A 288 -16.68 2.46 -17.04
CA THR A 288 -15.61 3.38 -17.43
C THR A 288 -14.17 2.94 -17.14
N LYS A 289 -13.83 1.70 -17.49
CA LYS A 289 -12.49 1.16 -17.29
C LYS A 289 -12.42 -0.32 -17.63
N LYS A 290 -13.49 -0.83 -18.22
CA LYS A 290 -13.57 -2.23 -18.60
C LYS A 290 -13.45 -2.36 -20.12
N GLY A 291 -12.27 -2.01 -20.64
CA GLY A 291 -12.05 -2.08 -22.07
C GLY A 291 -11.16 -3.24 -22.48
N SER A 292 -9.89 -3.17 -22.09
CA SER A 292 -8.94 -4.23 -22.41
C SER A 292 -8.98 -5.34 -21.37
N MET A 293 -10.06 -5.39 -20.61
CA MET A 293 -10.28 -6.40 -19.58
C MET A 293 -9.44 -6.17 -18.30
N GLN A 294 -10.12 -6.17 -17.15
CA GLN A 294 -9.48 -5.99 -15.84
C GLN A 294 -8.64 -4.72 -15.69
N THR A 295 -8.29 -4.38 -14.46
CA THR A 295 -7.51 -3.17 -14.18
C THR A 295 -6.37 -3.34 -13.19
N GLY A 296 -6.68 -3.80 -11.98
CA GLY A 296 -5.66 -3.97 -10.96
C GLY A 296 -4.50 -4.87 -11.34
N ALA A 297 -3.32 -4.59 -10.79
CA ALA A 297 -2.13 -5.38 -11.09
C ALA A 297 -1.05 -5.23 -10.01
N TYR A 298 -0.12 -6.18 -9.93
CA TYR A 298 0.95 -6.10 -8.96
C TYR A 298 2.13 -6.95 -9.38
N ASP A 299 3.33 -6.59 -8.90
CA ASP A 299 4.52 -7.37 -9.22
C ASP A 299 4.99 -8.13 -7.98
N ASN A 300 5.27 -9.42 -8.17
CA ASN A 300 5.75 -10.26 -7.08
C ASN A 300 7.27 -10.31 -7.22
N LEU A 301 7.97 -9.61 -6.32
CA LEU A 301 9.43 -9.59 -6.35
C LEU A 301 9.95 -10.50 -5.24
N GLY A 302 10.04 -11.79 -5.53
CA GLY A 302 10.49 -12.72 -4.53
C GLY A 302 9.59 -12.74 -3.31
N PHE A 303 8.33 -12.34 -3.44
CA PHE A 303 7.38 -12.36 -2.33
C PHE A 303 6.89 -13.82 -2.37
N ASN A 304 7.69 -14.73 -1.83
CA ASN A 304 7.39 -16.14 -1.94
C ASN A 304 6.65 -16.90 -0.85
N LYS A 305 6.11 -16.18 0.13
CA LYS A 305 5.36 -16.81 1.21
C LYS A 305 3.97 -16.17 1.25
N LYS A 306 3.01 -16.86 1.87
CA LYS A 306 1.67 -16.30 1.98
C LYS A 306 1.67 -15.21 3.05
N LEU A 307 0.83 -14.21 2.86
CA LEU A 307 0.71 -13.14 3.83
C LEU A 307 -0.71 -13.07 4.38
N TYR A 308 -0.91 -13.63 5.58
CA TYR A 308 -2.20 -13.56 6.24
C TYR A 308 -2.03 -12.47 7.28
N PHE A 309 -3.01 -11.58 7.38
CA PHE A 309 -2.94 -10.49 8.32
C PHE A 309 -3.41 -10.87 9.73
N ASN A 310 -4.15 -11.97 9.83
CA ASN A 310 -4.70 -12.45 11.10
C ASN A 310 -5.22 -11.28 11.93
N PRO A 311 -6.08 -10.45 11.33
CA PRO A 311 -6.57 -9.32 12.13
C PRO A 311 -7.30 -9.72 13.40
N GLY A 312 -7.01 -9.02 14.48
CA GLY A 312 -7.64 -9.28 15.75
C GLY A 312 -7.24 -10.56 16.49
N PHE A 313 -6.13 -11.17 16.11
CA PHE A 313 -5.70 -12.39 16.78
C PHE A 313 -4.19 -12.45 16.89
N PHE A 314 -3.69 -13.02 18.00
CA PHE A 314 -2.25 -13.11 18.21
C PHE A 314 -1.82 -14.43 18.82
N ASN A 315 -0.55 -14.75 18.70
CA ASN A 315 -0.01 -15.98 19.25
C ASN A 315 1.36 -15.74 19.89
#